data_6UXC
#
_entry.id   6UXC
#
_cell.length_a   80.187
_cell.length_b   80.187
_cell.length_c   114.841
_cell.angle_alpha   90.000
_cell.angle_beta   90.000
_cell.angle_gamma   120.000
#
_symmetry.space_group_name_H-M   'P 31 2 1'
#
loop_
_entity.id
_entity.type
_entity.pdbx_description
1 polymer CT253
2 non-polymer 'SODIUM ION'
3 water water
#
_entity_poly.entity_id   1
_entity_poly.type   'polypeptide(L)'
_entity_poly.pdbx_seq_one_letter_code
;SNSGSYNARLYTKGSKAKGVVAMLPVFYRTEKSAELLPWNLQAEFSEEISRRLHSSDKLLLIKHHASAGVAAQFFSPTPN
ISPELATQLLPAEFVVAAEILEQKTTEDVLNPSISASVRVRVFDIRHNKVSMIYQEILDASQSLASGSNDYHRYGWRSKN
FDSTPMGLMHQRLFREIVARVEGYV(CSO)ANYS
;
_entity_poly.pdbx_strand_id   A,B
#
# COMPACT_ATOMS: atom_id res chain seq x y z
N LYS A 18 -29.79 12.75 -1.65
CA LYS A 18 -28.39 12.72 -2.03
C LYS A 18 -27.56 11.88 -1.06
N GLY A 19 -26.68 11.05 -1.60
CA GLY A 19 -25.72 10.36 -0.77
C GLY A 19 -24.70 11.34 -0.22
N VAL A 20 -24.40 11.23 1.08
CA VAL A 20 -23.46 12.12 1.75
C VAL A 20 -22.07 11.47 1.72
N VAL A 21 -21.09 12.16 1.12
CA VAL A 21 -19.80 11.54 0.85
CA VAL A 21 -19.79 11.59 0.76
C VAL A 21 -18.68 12.38 1.42
N ALA A 22 -17.62 11.68 1.84
CA ALA A 22 -16.36 12.28 2.22
C ALA A 22 -15.33 11.83 1.21
N MET A 23 -14.51 12.74 0.69
CA MET A 23 -13.42 12.36 -0.20
C MET A 23 -12.10 12.42 0.56
N LEU A 24 -11.38 11.30 0.57
CA LEU A 24 -10.03 11.32 1.11
C LEU A 24 -9.08 12.01 0.12
N PRO A 25 -8.03 12.64 0.63
CA PRO A 25 -6.96 13.06 -0.28
C PRO A 25 -6.52 11.90 -1.14
N VAL A 26 -6.27 12.20 -2.42
CA VAL A 26 -5.83 11.16 -3.33
C VAL A 26 -4.48 10.60 -2.89
N PHE A 27 -4.39 9.27 -2.92
CA PHE A 27 -3.23 8.52 -2.49
C PHE A 27 -2.33 8.25 -3.71
N TYR A 28 -1.03 8.45 -3.56
CA TYR A 28 -0.11 8.23 -4.67
C TYR A 28 1.26 7.84 -4.11
N ARG A 29 1.64 6.58 -4.30
CA ARG A 29 2.93 6.07 -3.86
C ARG A 29 3.93 6.18 -5.00
N THR A 30 5.02 6.88 -4.75
CA THR A 30 6.09 7.01 -5.74
C THR A 30 7.37 6.41 -5.21
N GLU A 35 10.84 14.89 -10.14
CA GLU A 35 9.55 15.29 -10.72
C GLU A 35 9.75 16.49 -11.66
N LEU A 36 9.40 16.28 -12.92
CA LEU A 36 9.49 17.31 -13.95
C LEU A 36 8.18 18.07 -14.12
N LEU A 37 7.25 17.90 -13.19
CA LEU A 37 6.02 18.67 -13.29
C LEU A 37 6.04 19.83 -12.32
N PRO A 38 5.58 21.02 -12.76
CA PRO A 38 5.51 22.17 -11.86
C PRO A 38 4.32 22.14 -10.91
N TRP A 39 3.60 21.02 -10.80
CA TRP A 39 2.56 20.89 -9.80
C TRP A 39 2.57 19.46 -9.29
N ASN A 40 1.86 19.26 -8.20
CA ASN A 40 1.74 17.96 -7.56
C ASN A 40 0.54 17.20 -8.12
N LEU A 41 0.80 16.03 -8.71
CA LEU A 41 -0.29 15.28 -9.33
C LEU A 41 -1.38 14.92 -8.32
N GLN A 42 -1.00 14.44 -7.13
CA GLN A 42 -1.98 14.15 -6.09
C GLN A 42 -2.85 15.36 -5.80
N ALA A 43 -2.26 16.55 -5.76
CA ALA A 43 -3.04 17.73 -5.44
C ALA A 43 -4.03 18.06 -6.55
N GLU A 44 -3.58 17.95 -7.82
CA GLU A 44 -4.50 18.14 -8.94
C GLU A 44 -5.65 17.15 -8.85
N PHE A 45 -5.33 15.87 -8.70
CA PHE A 45 -6.40 14.88 -8.70
C PHE A 45 -7.36 15.11 -7.54
N SER A 46 -6.85 15.43 -6.36
CA SER A 46 -7.75 15.68 -5.23
C SER A 46 -8.70 16.83 -5.52
N GLU A 47 -8.16 17.93 -6.03
CA GLU A 47 -9.00 19.09 -6.27
C GLU A 47 -10.01 18.83 -7.37
N GLU A 48 -9.56 18.21 -8.47
CA GLU A 48 -10.44 18.03 -9.61
C GLU A 48 -11.55 17.04 -9.31
N ILE A 49 -11.25 15.98 -8.57
CA ILE A 49 -12.31 15.06 -8.18
C ILE A 49 -13.21 15.72 -7.15
N SER A 50 -12.63 16.44 -6.21
CA SER A 50 -13.45 17.11 -5.21
C SER A 50 -14.39 18.11 -5.86
N ARG A 51 -13.88 18.91 -6.82
CA ARG A 51 -14.76 19.87 -7.47
C ARG A 51 -15.94 19.17 -8.15
N ARG A 52 -15.70 18.01 -8.74
CA ARG A 52 -16.76 17.30 -9.45
C ARG A 52 -17.75 16.62 -8.50
N LEU A 53 -17.28 16.14 -7.36
CA LEU A 53 -18.21 15.59 -6.38
C LEU A 53 -19.05 16.71 -5.81
N HIS A 54 -18.44 17.88 -5.61
CA HIS A 54 -19.17 19.07 -5.17
C HIS A 54 -20.22 19.47 -6.20
N SER A 55 -19.83 19.55 -7.48
CA SER A 55 -20.78 19.95 -8.52
C SER A 55 -21.89 18.92 -8.70
N SER A 56 -21.60 17.65 -8.45
CA SER A 56 -22.64 16.64 -8.60
C SER A 56 -23.85 16.99 -7.76
N ASP A 57 -25.03 16.98 -8.38
CA ASP A 57 -26.24 17.14 -7.59
C ASP A 57 -26.75 15.81 -7.03
N LYS A 58 -26.02 14.72 -7.26
CA LYS A 58 -26.36 13.43 -6.69
C LYS A 58 -25.65 13.18 -5.37
N LEU A 59 -24.60 13.92 -5.07
CA LEU A 59 -23.72 13.64 -3.94
C LEU A 59 -23.51 14.91 -3.14
N LEU A 60 -23.60 14.79 -1.81
CA LEU A 60 -23.39 15.91 -0.92
C LEU A 60 -22.00 15.73 -0.29
N LEU A 61 -21.09 16.62 -0.61
CA LEU A 61 -19.69 16.44 -0.27
C LEU A 61 -19.41 17.20 1.01
N ILE A 62 -19.06 16.46 2.07
CA ILE A 62 -18.79 17.07 3.35
C ILE A 62 -17.35 17.50 3.44
N LYS A 63 -17.09 18.41 4.39
CA LYS A 63 -15.76 18.74 4.85
C LYS A 63 -15.42 17.93 6.10
N HIS A 64 -14.27 17.23 6.05
CA HIS A 64 -13.79 16.49 7.21
C HIS A 64 -12.35 16.88 7.49
N HIS A 65 -11.82 16.40 8.63
CA HIS A 65 -10.47 16.65 9.10
C HIS A 65 -9.78 15.34 9.47
N ALA A 66 -10.03 14.28 8.70
CA ALA A 66 -9.43 12.98 9.04
C ALA A 66 -7.90 13.03 9.07
N SER A 67 -7.35 12.37 10.08
CA SER A 67 -5.89 12.28 10.22
C SER A 67 -5.28 11.45 9.09
N ALA A 68 -3.94 11.54 8.95
CA ALA A 68 -3.23 10.78 7.95
C ALA A 68 -3.49 9.30 8.08
N GLY A 69 -3.48 8.79 9.31
CA GLY A 69 -3.61 7.37 9.51
C GLY A 69 -5.03 6.90 9.32
N VAL A 70 -5.99 7.78 9.60
CA VAL A 70 -7.37 7.41 9.39
C VAL A 70 -7.69 7.36 7.90
N ALA A 71 -7.18 8.31 7.13
CA ALA A 71 -7.38 8.23 5.69
C ALA A 71 -6.63 7.04 5.10
N ALA A 72 -5.41 6.81 5.58
CA ALA A 72 -4.56 5.83 4.94
C ALA A 72 -5.16 4.43 5.00
N GLN A 73 -5.88 4.14 6.08
CA GLN A 73 -6.37 2.78 6.24
C GLN A 73 -7.27 2.35 5.08
N PHE A 74 -7.94 3.30 4.43
CA PHE A 74 -8.84 2.96 3.34
C PHE A 74 -8.11 2.56 2.06
N PHE A 75 -6.79 2.76 2.01
CA PHE A 75 -5.97 2.40 0.87
C PHE A 75 -5.14 1.14 1.10
N SER A 76 -5.27 0.51 2.26
CA SER A 76 -4.58 -0.76 2.49
C SER A 76 -5.09 -1.80 1.49
N PRO A 77 -4.23 -2.57 0.85
CA PRO A 77 -4.72 -3.59 -0.09
C PRO A 77 -5.78 -4.50 0.52
N THR A 78 -5.59 -4.92 1.77
CA THR A 78 -6.65 -5.62 2.51
C THR A 78 -7.01 -4.75 3.72
N PRO A 79 -8.10 -3.97 3.64
CA PRO A 79 -8.40 -3.06 4.75
C PRO A 79 -8.90 -3.79 5.97
N ASN A 80 -8.62 -3.21 7.12
CA ASN A 80 -9.14 -3.69 8.39
C ASN A 80 -9.42 -2.44 9.20
N ILE A 81 -10.69 -2.01 9.22
CA ILE A 81 -11.10 -0.70 9.72
C ILE A 81 -12.24 -0.92 10.72
N SER A 82 -11.97 -0.73 12.00
CA SER A 82 -13.02 -0.81 13.01
C SER A 82 -13.95 0.39 12.90
N PRO A 83 -15.18 0.29 13.37
CA PRO A 83 -16.04 1.47 13.34
C PRO A 83 -15.45 2.67 14.06
N GLU A 84 -14.77 2.42 15.17
CA GLU A 84 -14.14 3.50 15.91
C GLU A 84 -13.19 4.27 15.02
N LEU A 85 -12.50 3.57 14.12
CA LEU A 85 -11.48 4.19 13.26
C LEU A 85 -12.06 4.93 12.05
N ALA A 86 -13.39 4.95 11.88
CA ALA A 86 -14.02 5.68 10.79
C ALA A 86 -14.80 6.91 11.25
N THR A 87 -14.92 7.16 12.57
CA THR A 87 -15.80 8.23 13.04
C THR A 87 -15.38 9.61 12.56
N GLN A 88 -14.09 9.80 12.25
CA GLN A 88 -13.63 11.09 11.77
C GLN A 88 -14.20 11.45 10.40
N LEU A 89 -14.81 10.50 9.71
CA LEU A 89 -15.43 10.77 8.42
C LEU A 89 -16.94 10.93 8.52
N LEU A 90 -17.52 10.69 9.68
CA LEU A 90 -18.90 11.05 9.86
C LEU A 90 -18.97 12.57 9.78
N PRO A 91 -20.08 13.13 9.29
CA PRO A 91 -21.38 12.49 9.00
C PRO A 91 -21.55 11.96 7.59
N ALA A 92 -20.45 11.74 6.89
CA ALA A 92 -20.56 11.07 5.60
C ALA A 92 -21.16 9.68 5.78
N GLU A 93 -21.89 9.25 4.76
CA GLU A 93 -22.38 7.88 4.63
C GLU A 93 -21.41 7.01 3.85
N PHE A 94 -20.67 7.62 2.92
CA PHE A 94 -19.76 6.93 2.02
C PHE A 94 -18.45 7.68 1.96
N VAL A 95 -17.37 6.91 1.85
CA VAL A 95 -16.02 7.43 1.76
C VAL A 95 -15.48 7.08 0.39
N VAL A 96 -15.00 8.09 -0.31
CA VAL A 96 -14.39 7.93 -1.62
C VAL A 96 -12.87 7.94 -1.45
N ALA A 97 -12.23 6.84 -1.87
CA ALA A 97 -10.79 6.62 -1.70
C ALA A 97 -10.21 6.30 -3.07
N ALA A 98 -9.59 7.30 -3.69
CA ALA A 98 -8.99 7.14 -5.02
C ALA A 98 -7.48 7.16 -4.91
N GLU A 99 -6.83 6.17 -5.50
CA GLU A 99 -5.38 6.05 -5.52
C GLU A 99 -4.87 6.11 -6.96
N ILE A 100 -3.93 7.01 -7.21
CA ILE A 100 -3.21 7.01 -8.48
C ILE A 100 -2.24 5.84 -8.45
N LEU A 101 -2.43 4.89 -9.36
CA LEU A 101 -1.48 3.78 -9.39
C LEU A 101 -0.23 4.14 -10.20
N GLU A 102 -0.41 4.86 -11.30
CA GLU A 102 0.71 5.31 -12.12
C GLU A 102 0.22 6.37 -13.09
N GLN A 103 1.15 7.21 -13.49
CA GLN A 103 1.02 8.01 -14.70
C GLN A 103 2.32 7.84 -15.47
N LYS A 104 2.21 7.44 -16.72
CA LYS A 104 3.38 7.07 -17.50
C LYS A 104 3.22 7.52 -18.94
N THR A 105 4.36 7.62 -19.62
CA THR A 105 4.40 7.74 -21.07
C THR A 105 4.99 6.46 -21.68
N THR A 106 5.02 6.44 -23.00
CA THR A 106 5.52 5.29 -23.74
C THR A 106 6.32 5.72 -24.96
N ASN A 111 2.49 4.69 -31.44
CA ASN A 111 1.77 5.94 -31.17
C ASN A 111 1.92 6.34 -29.71
N PRO A 112 3.09 6.87 -29.33
CA PRO A 112 3.38 7.10 -27.90
C PRO A 112 2.32 7.96 -27.23
N SER A 113 2.05 7.64 -25.98
CA SER A 113 0.92 8.24 -25.29
C SER A 113 1.31 8.49 -23.85
N ILE A 114 0.46 9.27 -23.19
CA ILE A 114 0.54 9.46 -21.75
C ILE A 114 -0.73 8.85 -21.16
N SER A 115 -0.58 8.10 -20.09
CA SER A 115 -1.71 7.39 -19.51
C SER A 115 -1.62 7.45 -18.01
N ALA A 116 -2.78 7.25 -17.36
CA ALA A 116 -2.86 7.18 -15.92
C ALA A 116 -3.88 6.12 -15.53
N SER A 117 -3.67 5.54 -14.37
CA SER A 117 -4.48 4.45 -13.86
C SER A 117 -4.81 4.77 -12.42
N VAL A 118 -6.09 4.65 -12.05
CA VAL A 118 -6.56 5.01 -10.71
C VAL A 118 -7.39 3.87 -10.14
N ARG A 119 -7.07 3.42 -8.92
CA ARG A 119 -7.93 2.50 -8.19
C ARG A 119 -8.93 3.32 -7.37
N VAL A 120 -10.21 3.17 -7.71
CA VAL A 120 -11.29 3.83 -7.00
C VAL A 120 -11.93 2.84 -6.06
N ARG A 121 -12.07 3.24 -4.80
CA ARG A 121 -12.83 2.51 -3.80
C ARG A 121 -13.91 3.40 -3.21
N VAL A 122 -15.06 2.81 -2.91
CA VAL A 122 -16.07 3.48 -2.10
C VAL A 122 -16.40 2.57 -0.93
N PHE A 123 -16.43 3.15 0.25
CA PHE A 123 -16.77 2.43 1.48
C PHE A 123 -18.08 2.98 2.02
N ASP A 124 -18.91 2.10 2.55
CA ASP A 124 -20.13 2.47 3.24
C ASP A 124 -19.81 2.51 4.73
N ILE A 125 -20.00 3.66 5.37
CA ILE A 125 -19.70 3.75 6.79
C ILE A 125 -20.95 4.03 7.63
N ARG A 126 -22.12 3.70 7.09
CA ARG A 126 -23.34 3.79 7.87
C ARG A 126 -23.44 2.65 8.88
N HIS A 127 -24.30 2.86 9.87
CA HIS A 127 -24.75 1.79 10.78
C HIS A 127 -23.60 1.22 11.61
N ASN A 128 -22.63 2.08 11.95
CA ASN A 128 -21.49 1.70 12.79
C ASN A 128 -20.74 0.53 12.20
N LYS A 129 -20.73 0.43 10.87
CA LYS A 129 -19.99 -0.62 10.16
C LYS A 129 -19.15 0.05 9.08
N VAL A 130 -18.18 -0.70 8.57
CA VAL A 130 -17.33 -0.23 7.47
C VAL A 130 -17.27 -1.35 6.45
N SER A 131 -17.69 -1.07 5.23
CA SER A 131 -17.73 -2.07 4.17
C SER A 131 -17.30 -1.42 2.87
N MET A 132 -16.48 -2.13 2.11
CA MET A 132 -16.11 -1.68 0.78
C MET A 132 -17.16 -2.14 -0.23
N ILE A 133 -17.85 -1.19 -0.87
CA ILE A 133 -18.96 -1.52 -1.78
C ILE A 133 -18.60 -1.39 -3.26
N TYR A 134 -17.43 -0.83 -3.57
CA TYR A 134 -17.00 -0.66 -4.94
C TYR A 134 -15.48 -0.61 -4.96
N GLN A 135 -14.89 -1.34 -5.91
CA GLN A 135 -13.47 -1.25 -6.17
C GLN A 135 -13.24 -1.50 -7.65
N GLU A 136 -12.55 -0.59 -8.32
CA GLU A 136 -12.29 -0.77 -9.74
C GLU A 136 -11.10 0.08 -10.13
N ILE A 137 -10.30 -0.43 -11.06
CA ILE A 137 -9.21 0.34 -11.66
C ILE A 137 -9.73 0.94 -12.96
N LEU A 138 -9.70 2.27 -13.03
CA LEU A 138 -10.07 3.05 -14.18
C LEU A 138 -8.82 3.64 -14.79
N ASP A 139 -8.82 3.83 -16.11
CA ASP A 139 -7.63 4.34 -16.74
C ASP A 139 -8.02 5.16 -17.97
N ALA A 140 -7.08 5.96 -18.42
CA ALA A 140 -7.24 6.83 -19.58
C ALA A 140 -5.90 6.95 -20.27
N SER A 141 -5.94 7.19 -21.59
CA SER A 141 -4.70 7.34 -22.35
C SER A 141 -4.93 8.34 -23.47
N GLN A 142 -3.85 9.04 -23.83
CA GLN A 142 -3.92 10.09 -24.84
C GLN A 142 -2.62 10.17 -25.62
N SER A 143 -2.74 10.30 -26.94
CA SER A 143 -1.57 10.40 -27.79
C SER A 143 -0.79 11.67 -27.48
N LEU A 144 0.53 11.54 -27.34
CA LEU A 144 1.38 12.69 -27.04
C LEU A 144 1.43 13.69 -28.20
N ALA A 145 1.02 13.27 -29.39
CA ALA A 145 0.99 14.19 -30.53
C ALA A 145 -0.26 15.06 -30.54
N SER A 146 -1.24 14.77 -29.67
CA SER A 146 -2.53 15.46 -29.69
C SER A 146 -2.44 16.93 -29.32
N GLY A 147 -1.35 17.37 -28.71
CA GLY A 147 -1.26 18.75 -28.30
C GLY A 147 0.13 19.02 -27.79
N SER A 148 0.31 20.18 -27.16
CA SER A 148 1.61 20.52 -26.60
C SER A 148 1.88 19.72 -25.33
N ASN A 149 3.14 19.34 -25.14
CA ASN A 149 3.56 18.75 -23.88
C ASN A 149 4.48 19.69 -23.10
N ASP A 150 4.37 20.99 -23.34
CA ASP A 150 5.00 21.99 -22.48
C ASP A 150 4.10 22.19 -21.27
N TYR A 151 4.34 21.40 -20.22
CA TYR A 151 3.53 21.47 -19.02
C TYR A 151 3.98 22.57 -18.06
N HIS A 152 4.96 23.37 -18.47
CA HIS A 152 5.21 24.62 -17.76
C HIS A 152 4.48 25.79 -18.40
N ARG A 153 4.40 25.85 -19.74
CA ARG A 153 3.56 26.87 -20.38
C ARG A 153 2.08 26.55 -20.22
N TYR A 154 1.71 25.28 -20.29
CA TYR A 154 0.31 24.87 -20.34
C TYR A 154 0.04 23.81 -19.29
N GLY A 155 0.44 24.09 -18.05
CA GLY A 155 0.25 23.16 -16.95
C GLY A 155 -1.08 23.37 -16.26
N TRP A 156 -1.36 22.46 -15.32
CA TRP A 156 -2.64 22.48 -14.60
C TRP A 156 -2.95 23.88 -14.09
N ARG A 157 -4.20 24.30 -14.33
CA ARG A 157 -4.76 25.61 -13.97
C ARG A 157 -4.65 26.59 -15.13
N SER A 158 -3.52 26.56 -15.86
CA SER A 158 -3.38 27.44 -17.01
C SER A 158 -4.56 27.23 -17.95
N LYS A 159 -4.84 28.22 -18.81
CA LYS A 159 -6.02 28.18 -19.66
C LYS A 159 -6.06 26.90 -20.48
N ASN A 160 -4.93 26.56 -21.11
CA ASN A 160 -4.91 25.57 -22.17
C ASN A 160 -4.51 24.19 -21.71
N PHE A 161 -4.43 23.95 -20.40
CA PHE A 161 -4.05 22.61 -19.95
C PHE A 161 -5.00 21.56 -20.52
N ASP A 162 -6.29 21.88 -20.57
CA ASP A 162 -7.26 20.90 -21.00
C ASP A 162 -7.11 20.55 -22.49
N SER A 163 -6.26 21.27 -23.23
CA SER A 163 -5.93 20.97 -24.63
C SER A 163 -4.62 20.21 -24.79
N THR A 164 -3.87 19.99 -23.72
CA THR A 164 -2.66 19.20 -23.80
C THR A 164 -3.00 17.73 -23.71
N PRO A 165 -2.07 16.85 -24.10
CA PRO A 165 -2.39 15.42 -24.04
C PRO A 165 -2.69 14.97 -22.61
N MET A 166 -1.91 15.47 -21.65
CA MET A 166 -2.16 15.07 -20.28
C MET A 166 -3.51 15.59 -19.80
N GLY A 167 -3.85 16.84 -20.16
CA GLY A 167 -5.07 17.45 -19.65
C GLY A 167 -6.31 16.81 -20.25
N LEU A 168 -6.25 16.46 -21.53
CA LEU A 168 -7.35 15.72 -22.16
C LEU A 168 -7.55 14.38 -21.47
N MET A 169 -6.45 13.68 -21.22
CA MET A 169 -6.50 12.38 -20.57
C MET A 169 -7.08 12.52 -19.16
N HIS A 170 -6.57 13.49 -18.40
CA HIS A 170 -7.08 13.69 -17.04
C HIS A 170 -8.57 13.99 -17.02
N GLN A 171 -9.02 14.87 -17.90
CA GLN A 171 -10.43 15.25 -17.93
C GLN A 171 -11.32 14.03 -18.11
N ARG A 172 -10.97 13.14 -19.04
CA ARG A 172 -11.81 11.97 -19.26
C ARG A 172 -11.79 11.06 -18.04
N LEU A 173 -10.61 10.90 -17.44
CA LEU A 173 -10.48 10.05 -16.27
C LEU A 173 -11.27 10.61 -15.08
N PHE A 174 -11.19 11.92 -14.83
CA PHE A 174 -11.93 12.50 -13.72
C PHE A 174 -13.43 12.31 -13.93
N ARG A 175 -13.88 12.51 -15.18
CA ARG A 175 -15.29 12.33 -15.48
C ARG A 175 -15.73 10.90 -15.19
N GLU A 176 -14.91 9.91 -15.57
CA GLU A 176 -15.28 8.51 -15.36
C GLU A 176 -15.27 8.16 -13.88
N ILE A 177 -14.30 8.68 -13.14
CA ILE A 177 -14.21 8.38 -11.72
C ILE A 177 -15.50 8.82 -11.04
N VAL A 178 -15.93 10.05 -11.30
CA VAL A 178 -17.09 10.56 -10.59
C VAL A 178 -18.37 9.87 -11.07
N ALA A 179 -18.45 9.52 -12.36
CA ALA A 179 -19.63 8.81 -12.84
C ALA A 179 -19.79 7.47 -12.15
N ARG A 180 -18.67 6.76 -11.94
CA ARG A 180 -18.71 5.48 -11.25
C ARG A 180 -19.07 5.64 -9.78
N VAL A 181 -18.48 6.63 -9.12
CA VAL A 181 -18.82 6.86 -7.72
C VAL A 181 -20.30 7.16 -7.58
N GLU A 182 -20.83 8.03 -8.46
CA GLU A 182 -22.25 8.35 -8.43
C GLU A 182 -23.10 7.11 -8.60
N GLY A 183 -22.72 6.26 -9.56
CA GLY A 183 -23.49 5.06 -9.82
C GLY A 183 -23.52 4.11 -8.64
N TYR A 184 -22.35 3.85 -8.03
CA TYR A 184 -22.32 2.87 -6.96
C TYR A 184 -22.88 3.43 -5.66
N VAL A 185 -22.74 4.72 -5.42
CA VAL A 185 -23.31 5.30 -4.22
C VAL A 185 -24.83 5.20 -4.36
N ALA A 187 -26.73 3.41 -6.26
CA ALA A 187 -27.24 2.05 -6.24
C ALA A 187 -27.43 1.57 -4.80
N ASN A 188 -26.68 2.16 -3.87
CA ASN A 188 -26.67 1.71 -2.47
C ASN A 188 -27.24 2.73 -1.50
N ALA B 17 13.22 14.04 6.38
CA ALA B 17 12.36 13.72 7.54
C ALA B 17 11.79 12.31 7.43
N LYS B 18 12.26 11.41 8.29
CA LYS B 18 12.08 9.97 8.12
C LYS B 18 10.94 9.45 8.97
N GLY B 19 10.19 8.48 8.43
CA GLY B 19 9.22 7.77 9.24
C GLY B 19 9.94 6.91 10.25
N VAL B 20 9.52 6.96 11.51
CA VAL B 20 10.18 6.22 12.59
C VAL B 20 9.48 4.87 12.74
N VAL B 21 10.22 3.78 12.59
CA VAL B 21 9.64 2.44 12.47
CA VAL B 21 9.60 2.47 12.50
C VAL B 21 10.18 1.51 13.54
N ALA B 22 9.33 0.62 14.02
CA ALA B 22 9.72 -0.51 14.85
C ALA B 22 9.39 -1.77 14.05
N MET B 23 10.31 -2.74 14.06
CA MET B 23 10.06 -4.03 13.43
C MET B 23 9.86 -5.09 14.51
N LEU B 24 8.74 -5.77 14.47
CA LEU B 24 8.54 -6.93 15.33
C LEU B 24 9.24 -8.15 14.74
N PRO B 25 9.60 -9.13 15.56
CA PRO B 25 10.16 -10.37 15.01
C PRO B 25 9.20 -10.96 14.00
N VAL B 26 9.76 -11.51 12.91
CA VAL B 26 8.93 -12.17 11.91
C VAL B 26 8.26 -13.39 12.52
N PHE B 27 6.97 -13.56 12.23
CA PHE B 27 6.20 -14.70 12.73
C PHE B 27 6.18 -15.80 11.68
N TYR B 28 6.35 -17.04 12.14
CA TYR B 28 6.31 -18.21 11.24
C TYR B 28 5.66 -19.32 12.04
N ARG B 29 4.37 -19.55 11.77
CA ARG B 29 3.55 -20.40 12.61
C ARG B 29 2.60 -21.30 11.83
N THR B 30 2.32 -21.00 10.56
CA THR B 30 1.46 -21.84 9.73
C THR B 30 2.04 -23.24 9.55
N GLU B 31 3.37 -23.34 9.56
CA GLU B 31 4.09 -24.59 9.35
C GLU B 31 5.39 -24.54 10.14
N LYS B 32 5.88 -25.70 10.57
CA LYS B 32 7.22 -25.78 11.11
C LYS B 32 8.23 -25.66 9.95
N SER B 33 9.44 -25.20 10.28
CA SER B 33 10.47 -25.05 9.25
C SER B 33 10.88 -26.43 8.73
N ALA B 34 11.28 -26.46 7.47
CA ALA B 34 11.56 -27.74 6.82
C ALA B 34 12.72 -28.46 7.48
N GLU B 35 12.63 -29.80 7.53
CA GLU B 35 13.73 -30.59 8.09
C GLU B 35 15.01 -30.39 7.30
N LEU B 36 14.91 -30.31 5.99
CA LEU B 36 16.10 -30.20 5.14
C LEU B 36 16.52 -28.76 4.89
N LEU B 37 16.05 -27.83 5.74
CA LEU B 37 16.54 -26.45 5.74
C LEU B 37 17.45 -26.29 6.94
N PRO B 38 18.75 -26.11 6.76
CA PRO B 38 19.67 -26.15 7.90
C PRO B 38 19.79 -24.85 8.67
N TRP B 39 18.81 -23.97 8.53
CA TRP B 39 18.73 -22.75 9.32
C TRP B 39 17.26 -22.46 9.56
N ASN B 40 17.00 -21.49 10.45
CA ASN B 40 15.63 -21.12 10.79
C ASN B 40 15.18 -20.00 9.87
N LEU B 41 14.14 -20.25 9.08
CA LEU B 41 13.66 -19.27 8.12
C LEU B 41 13.23 -17.99 8.80
N GLN B 42 12.62 -18.10 9.99
CA GLN B 42 12.17 -16.93 10.72
C GLN B 42 13.32 -16.01 11.07
N ALA B 43 14.45 -16.61 11.46
CA ALA B 43 15.62 -15.82 11.84
C ALA B 43 16.21 -15.11 10.63
N GLU B 44 16.25 -15.83 9.49
CA GLU B 44 16.76 -15.20 8.27
C GLU B 44 15.88 -14.02 7.89
N PHE B 45 14.58 -14.24 7.82
CA PHE B 45 13.69 -13.17 7.42
C PHE B 45 13.79 -11.99 8.39
N SER B 46 13.80 -12.26 9.71
CA SER B 46 13.85 -11.15 10.64
C SER B 46 15.10 -10.31 10.42
N GLU B 47 16.25 -10.97 10.31
CA GLU B 47 17.50 -10.22 10.18
C GLU B 47 17.58 -9.50 8.84
N GLU B 48 17.19 -10.18 7.76
CA GLU B 48 17.34 -9.59 6.44
C GLU B 48 16.40 -8.40 6.25
N ILE B 49 15.16 -8.48 6.76
CA ILE B 49 14.24 -7.36 6.66
C ILE B 49 14.70 -6.23 7.57
N SER B 50 15.13 -6.57 8.79
CA SER B 50 15.61 -5.54 9.70
C SER B 50 16.81 -4.81 9.12
N ARG B 51 17.74 -5.54 8.50
CA ARG B 51 18.91 -4.89 7.93
C ARG B 51 18.53 -3.89 6.85
N ARG B 52 17.52 -4.25 6.06
CA ARG B 52 17.11 -3.38 4.98
C ARG B 52 16.31 -2.18 5.45
N LEU B 53 15.48 -2.34 6.48
CA LEU B 53 14.83 -1.17 7.08
C LEU B 53 15.86 -0.22 7.68
N HIS B 54 16.91 -0.76 8.28
CA HIS B 54 18.01 0.06 8.75
C HIS B 54 18.68 0.79 7.58
N SER B 55 19.05 0.02 6.53
CA SER B 55 19.76 0.60 5.38
C SER B 55 18.92 1.64 4.64
N SER B 56 17.59 1.49 4.69
CA SER B 56 16.72 2.45 4.05
C SER B 56 16.98 3.87 4.58
N ASP B 57 17.20 4.83 3.69
CA ASP B 57 17.33 6.21 4.13
C ASP B 57 15.98 6.91 4.25
N LYS B 58 14.88 6.21 4.02
CA LYS B 58 13.55 6.81 4.20
C LYS B 58 12.95 6.51 5.56
N LEU B 59 13.49 5.54 6.29
CA LEU B 59 12.89 5.03 7.51
C LEU B 59 13.95 5.00 8.59
N LEU B 60 13.59 5.48 9.77
CA LEU B 60 14.48 5.43 10.93
C LEU B 60 14.05 4.25 11.80
N LEU B 61 14.84 3.20 11.79
CA LEU B 61 14.53 1.97 12.51
C LEU B 61 15.01 2.11 13.94
N ILE B 62 14.10 2.01 14.88
CA ILE B 62 14.44 2.19 16.28
C ILE B 62 14.47 0.84 16.99
N LYS B 63 15.13 0.83 18.14
CA LYS B 63 15.22 -0.35 19.00
C LYS B 63 14.09 -0.30 20.01
N HIS B 64 13.35 -1.38 20.13
CA HIS B 64 12.30 -1.45 21.14
C HIS B 64 12.50 -2.74 21.92
N HIS B 65 11.70 -2.91 22.96
CA HIS B 65 11.79 -4.09 23.82
C HIS B 65 10.40 -4.67 24.07
N ALA B 66 9.57 -4.68 23.03
CA ALA B 66 8.23 -5.25 23.15
C ALA B 66 8.32 -6.72 23.50
N SER B 67 7.52 -7.14 24.47
CA SER B 67 7.48 -8.54 24.83
C SER B 67 6.85 -9.36 23.70
N ALA B 68 7.08 -10.68 23.79
CA ALA B 68 6.47 -11.60 22.84
C ALA B 68 4.95 -11.50 22.89
N GLY B 69 4.40 -11.28 24.08
CA GLY B 69 2.96 -11.18 24.20
C GLY B 69 2.40 -9.94 23.54
N VAL B 70 3.16 -8.84 23.63
CA VAL B 70 2.79 -7.60 22.93
C VAL B 70 2.88 -7.80 21.42
N ALA B 71 4.02 -8.31 20.96
CA ALA B 71 4.21 -8.48 19.53
C ALA B 71 3.11 -9.35 18.94
N ALA B 72 2.67 -10.37 19.66
CA ALA B 72 1.72 -11.31 19.08
C ALA B 72 0.39 -10.63 18.76
N GLN B 73 0.05 -9.56 19.50
CA GLN B 73 -1.24 -8.93 19.27
C GLN B 73 -1.31 -8.28 17.88
N PHE B 74 -0.18 -7.87 17.32
CA PHE B 74 -0.16 -7.27 15.99
C PHE B 74 -0.34 -8.28 14.87
N PHE B 75 -0.28 -9.57 15.18
CA PHE B 75 -0.49 -10.63 14.20
C PHE B 75 -1.85 -11.29 14.31
N SER B 76 -2.71 -10.77 15.16
CA SER B 76 -4.00 -11.38 15.32
C SER B 76 -4.80 -11.32 14.02
N PRO B 77 -5.58 -12.35 13.70
CA PRO B 77 -6.50 -12.23 12.57
C PRO B 77 -7.55 -11.18 12.78
N THR B 78 -7.84 -10.83 14.03
CA THR B 78 -8.85 -9.84 14.39
C THR B 78 -8.15 -8.81 15.28
N PRO B 79 -7.27 -7.99 14.71
CA PRO B 79 -6.38 -7.17 15.54
C PRO B 79 -7.12 -6.05 16.24
N ASN B 80 -6.75 -5.81 17.49
CA ASN B 80 -7.32 -4.70 18.27
C ASN B 80 -6.21 -4.23 19.22
N ILE B 81 -5.42 -3.26 18.74
CA ILE B 81 -4.23 -2.78 19.43
C ILE B 81 -4.64 -1.61 20.31
N SER B 82 -4.56 -1.79 21.63
CA SER B 82 -4.90 -0.68 22.49
C SER B 82 -3.79 0.37 22.46
N PRO B 83 -4.14 1.65 22.61
CA PRO B 83 -3.08 2.65 22.68
C PRO B 83 -2.14 2.38 23.83
N GLU B 84 -2.64 1.78 24.92
CA GLU B 84 -1.78 1.47 26.05
C GLU B 84 -0.76 0.40 25.68
N LEU B 85 -1.17 -0.57 24.86
CA LEU B 85 -0.23 -1.55 24.34
C LEU B 85 0.77 -0.91 23.40
N ALA B 86 0.30 -0.03 22.53
CA ALA B 86 1.17 0.61 21.56
C ALA B 86 2.29 1.40 22.22
N THR B 87 2.12 1.80 23.48
CA THR B 87 3.16 2.59 24.13
C THR B 87 4.48 1.84 24.20
N GLN B 88 4.47 0.50 24.16
CA GLN B 88 5.73 -0.24 24.25
C GLN B 88 6.55 -0.17 22.97
N LEU B 89 5.97 0.39 21.90
CA LEU B 89 6.72 0.54 20.67
C LEU B 89 7.16 1.98 20.42
N LEU B 90 6.68 2.94 21.22
CA LEU B 90 7.24 4.28 21.13
C LEU B 90 8.75 4.16 21.34
N PRO B 91 9.55 4.99 20.68
CA PRO B 91 9.17 6.19 19.91
C PRO B 91 8.86 5.94 18.45
N ALA B 92 8.63 4.70 18.05
CA ALA B 92 8.22 4.47 16.68
C ALA B 92 6.88 5.15 16.40
N GLU B 93 6.72 5.51 15.14
CA GLU B 93 5.44 5.98 14.61
C GLU B 93 4.66 4.89 13.91
N PHE B 94 5.38 3.91 13.35
CA PHE B 94 4.83 2.82 12.57
C PHE B 94 5.43 1.52 13.07
N VAL B 95 4.63 0.47 13.05
CA VAL B 95 5.04 -0.85 13.50
C VAL B 95 4.88 -1.80 12.32
N VAL B 96 5.95 -2.53 12.02
CA VAL B 96 5.97 -3.51 10.92
C VAL B 96 5.82 -4.89 11.52
N ALA B 97 4.80 -5.63 11.05
CA ALA B 97 4.51 -6.99 11.52
C ALA B 97 4.42 -7.89 10.28
N ALA B 98 5.44 -8.71 10.05
CA ALA B 98 5.49 -9.55 8.87
C ALA B 98 5.42 -11.00 9.29
N GLU B 99 4.59 -11.78 8.60
CA GLU B 99 4.38 -13.18 8.92
C GLU B 99 4.65 -14.02 7.67
N ILE B 100 5.54 -15.01 7.80
CA ILE B 100 5.73 -15.98 6.72
C ILE B 100 4.52 -16.91 6.70
N LEU B 101 3.88 -16.99 5.55
CA LEU B 101 2.73 -17.88 5.41
C LEU B 101 3.15 -19.24 4.89
N GLU B 102 4.08 -19.29 3.95
CA GLU B 102 4.56 -20.56 3.44
C GLU B 102 5.85 -20.37 2.67
N GLN B 103 6.62 -21.43 2.61
CA GLN B 103 7.68 -21.57 1.61
C GLN B 103 7.50 -22.95 1.03
N LYS B 104 7.45 -23.05 -0.30
CA LYS B 104 7.09 -24.30 -0.96
C LYS B 104 7.85 -24.45 -2.27
N THR B 105 7.89 -25.69 -2.77
CA THR B 105 8.30 -25.97 -4.14
C THR B 105 7.11 -26.51 -4.94
N THR B 106 7.15 -26.28 -6.23
CA THR B 106 6.13 -26.77 -7.15
C THR B 106 6.79 -27.70 -8.15
N GLU B 107 6.12 -28.81 -8.44
CA GLU B 107 6.51 -29.72 -9.50
C GLU B 107 5.32 -29.83 -10.45
N ASP B 108 5.43 -30.72 -11.44
CA ASP B 108 4.32 -30.98 -12.35
C ASP B 108 3.80 -29.68 -12.95
N VAL B 109 4.69 -28.72 -13.16
CA VAL B 109 4.42 -27.49 -13.89
C VAL B 109 5.54 -27.36 -14.91
N LEU B 110 5.33 -26.48 -15.90
CA LEU B 110 6.37 -26.28 -16.92
C LEU B 110 7.70 -25.94 -16.28
N ASN B 111 7.68 -25.13 -15.23
CA ASN B 111 8.89 -24.52 -14.68
C ASN B 111 8.91 -24.68 -13.16
N PRO B 112 9.26 -25.87 -12.66
CA PRO B 112 9.27 -26.09 -11.22
C PRO B 112 10.01 -24.99 -10.48
N SER B 113 9.39 -24.46 -9.43
CA SER B 113 9.93 -23.27 -8.79
C SER B 113 9.87 -23.40 -7.27
N ILE B 114 10.63 -22.54 -6.61
CA ILE B 114 10.52 -22.37 -5.16
C ILE B 114 9.92 -21.00 -4.91
N SER B 115 8.99 -20.92 -3.95
CA SER B 115 8.28 -19.68 -3.70
C SER B 115 8.03 -19.51 -2.21
N ALA B 116 7.83 -18.26 -1.81
CA ALA B 116 7.46 -17.95 -0.42
C ALA B 116 6.49 -16.79 -0.45
N SER B 117 5.62 -16.76 0.56
CA SER B 117 4.65 -15.70 0.70
C SER B 117 4.65 -15.20 2.14
N VAL B 118 4.43 -13.89 2.30
CA VAL B 118 4.54 -13.20 3.58
C VAL B 118 3.36 -12.25 3.67
N ARG B 119 2.65 -12.25 4.80
CA ARG B 119 1.66 -11.21 5.04
C ARG B 119 2.38 -10.09 5.76
N VAL B 120 2.40 -8.91 5.14
CA VAL B 120 3.05 -7.75 5.71
C VAL B 120 1.96 -6.83 6.24
N ARG B 121 2.07 -6.41 7.50
CA ARG B 121 1.20 -5.39 8.06
C ARG B 121 2.05 -4.20 8.51
N VAL B 122 1.51 -3.00 8.34
CA VAL B 122 2.08 -1.78 8.94
C VAL B 122 0.98 -1.09 9.71
N PHE B 123 1.25 -0.78 10.98
CA PHE B 123 0.32 -0.03 11.81
C PHE B 123 0.87 1.36 12.07
N ASP B 124 -0.01 2.35 12.05
CA ASP B 124 0.31 3.72 12.43
C ASP B 124 -0.11 3.89 13.89
N ILE B 125 0.86 4.12 14.78
CA ILE B 125 0.57 4.23 16.20
C ILE B 125 0.74 5.66 16.70
N ARG B 126 0.69 6.64 15.79
CA ARG B 126 0.92 8.01 16.20
C ARG B 126 -0.22 8.61 16.99
N HIS B 127 -1.44 8.08 16.86
CA HIS B 127 -2.52 8.75 17.58
C HIS B 127 -3.30 7.83 18.51
N ASN B 128 -4.11 8.48 19.33
CA ASN B 128 -4.98 7.80 20.28
C ASN B 128 -5.46 6.47 19.72
N LYS B 129 -5.96 6.46 18.48
CA LYS B 129 -6.43 5.23 17.85
C LYS B 129 -5.39 4.72 16.84
N VAL B 130 -4.98 3.44 17.01
CA VAL B 130 -4.03 2.76 16.13
C VAL B 130 -4.75 2.36 14.86
N SER B 131 -4.11 2.57 13.70
CA SER B 131 -4.72 2.21 12.43
C SER B 131 -3.81 1.25 11.68
N MET B 132 -4.43 0.33 10.94
CA MET B 132 -3.69 -0.58 10.07
C MET B 132 -3.63 0.07 8.70
N ILE B 133 -2.47 0.66 8.37
CA ILE B 133 -2.39 1.40 7.10
C ILE B 133 -1.96 0.52 5.94
N TYR B 134 -1.53 -0.71 6.19
CA TYR B 134 -1.07 -1.58 5.12
C TYR B 134 -1.20 -3.03 5.57
N GLN B 135 -1.80 -3.84 4.71
CA GLN B 135 -1.88 -5.29 4.89
C GLN B 135 -1.92 -5.90 3.50
N GLU B 136 -0.98 -6.77 3.20
CA GLU B 136 -0.91 -7.35 1.88
C GLU B 136 -0.09 -8.61 1.98
N ILE B 137 -0.44 -9.61 1.17
CA ILE B 137 0.38 -10.80 1.01
C ILE B 137 1.29 -10.63 -0.20
N LEU B 138 2.59 -10.71 0.06
CA LEU B 138 3.61 -10.55 -0.96
C LEU B 138 4.26 -11.89 -1.19
N ASP B 139 4.69 -12.13 -2.43
CA ASP B 139 5.29 -13.41 -2.73
C ASP B 139 6.34 -13.24 -3.81
N ALA B 140 7.18 -14.26 -3.91
CA ALA B 140 8.17 -14.33 -4.96
C ALA B 140 8.35 -15.78 -5.34
N SER B 141 8.86 -16.00 -6.55
CA SER B 141 9.01 -17.34 -7.12
C SER B 141 10.25 -17.38 -7.99
N GLN B 142 10.97 -18.49 -7.94
CA GLN B 142 12.19 -18.66 -8.71
C GLN B 142 12.28 -20.07 -9.24
N SER B 143 12.70 -20.18 -10.50
CA SER B 143 12.88 -21.49 -11.10
C SER B 143 13.94 -22.30 -10.34
N LEU B 144 13.62 -23.56 -10.06
CA LEU B 144 14.58 -24.43 -9.38
C LEU B 144 15.80 -24.74 -10.25
N ALA B 145 15.65 -24.69 -11.56
CA ALA B 145 16.76 -25.01 -12.43
C ALA B 145 17.76 -23.88 -12.55
N SER B 146 17.50 -22.72 -11.92
CA SER B 146 18.30 -21.52 -12.13
C SER B 146 19.55 -21.47 -11.26
N GLY B 147 19.74 -22.41 -10.36
CA GLY B 147 21.00 -22.50 -9.65
C GLY B 147 21.03 -23.77 -8.82
N SER B 148 22.04 -23.88 -7.97
CA SER B 148 22.14 -25.02 -7.08
C SER B 148 21.08 -24.96 -6.01
N ASN B 149 20.50 -26.14 -5.70
CA ASN B 149 19.62 -26.26 -4.56
C ASN B 149 20.24 -27.14 -3.48
N ASP B 150 21.56 -27.17 -3.42
CA ASP B 150 22.28 -27.77 -2.29
C ASP B 150 22.37 -26.74 -1.18
N TYR B 151 21.33 -26.72 -0.34
CA TYR B 151 21.23 -25.72 0.74
C TYR B 151 22.01 -26.13 1.97
N HIS B 152 22.56 -27.33 1.99
CA HIS B 152 23.53 -27.66 3.04
C HIS B 152 24.91 -27.10 2.71
N ARG B 153 25.26 -27.05 1.43
CA ARG B 153 26.50 -26.43 0.98
C ARG B 153 26.37 -24.92 0.83
N TYR B 154 25.21 -24.45 0.39
CA TYR B 154 25.02 -23.06 0.00
C TYR B 154 23.79 -22.51 0.72
N GLY B 155 23.81 -22.59 2.04
CA GLY B 155 22.71 -22.08 2.84
C GLY B 155 22.87 -20.60 3.16
N TRP B 156 21.84 -20.04 3.81
CA TRP B 156 21.89 -18.67 4.26
C TRP B 156 23.15 -18.45 5.07
N ARG B 157 23.78 -17.29 4.85
CA ARG B 157 25.07 -16.91 5.45
C ARG B 157 26.25 -17.38 4.60
N SER B 158 26.04 -18.37 3.74
CA SER B 158 27.13 -18.82 2.88
C SER B 158 27.35 -17.82 1.74
N LYS B 159 28.53 -17.90 1.13
CA LYS B 159 28.92 -16.90 0.15
C LYS B 159 28.03 -16.95 -1.09
N ASN B 160 27.58 -18.14 -1.48
CA ASN B 160 26.88 -18.34 -2.75
C ASN B 160 25.37 -18.47 -2.57
N PHE B 161 24.84 -18.23 -1.37
CA PHE B 161 23.40 -18.41 -1.16
C PHE B 161 22.60 -17.54 -2.10
N ASP B 162 23.06 -16.29 -2.35
CA ASP B 162 22.24 -15.39 -3.14
C ASP B 162 22.18 -15.76 -4.61
N SER B 163 22.96 -16.76 -5.06
CA SER B 163 22.85 -17.29 -6.40
C SER B 163 22.09 -18.62 -6.45
N THR B 164 21.61 -19.12 -5.33
CA THR B 164 20.71 -20.27 -5.37
C THR B 164 19.31 -19.81 -5.71
N PRO B 165 18.44 -20.72 -6.18
CA PRO B 165 17.06 -20.30 -6.43
C PRO B 165 16.38 -19.72 -5.21
N MET B 166 16.55 -20.36 -4.05
CA MET B 166 15.94 -19.82 -2.83
C MET B 166 16.53 -18.46 -2.46
N GLY B 167 17.84 -18.29 -2.62
CA GLY B 167 18.43 -17.00 -2.28
C GLY B 167 17.99 -15.89 -3.22
N LEU B 168 17.92 -16.18 -4.52
CA LEU B 168 17.44 -15.18 -5.45
C LEU B 168 16.01 -14.79 -5.14
N MET B 169 15.18 -15.79 -4.84
CA MET B 169 13.79 -15.55 -4.48
C MET B 169 13.67 -14.71 -3.21
N HIS B 170 14.41 -15.11 -2.17
CA HIS B 170 14.36 -14.36 -0.92
C HIS B 170 14.77 -12.90 -1.12
N GLN B 171 15.84 -12.68 -1.87
CA GLN B 171 16.34 -11.33 -2.08
C GLN B 171 15.28 -10.45 -2.72
N ARG B 172 14.61 -10.97 -3.75
CA ARG B 172 13.54 -10.20 -4.39
C ARG B 172 12.37 -9.96 -3.44
N LEU B 173 12.05 -10.95 -2.61
CA LEU B 173 10.95 -10.81 -1.66
C LEU B 173 11.28 -9.77 -0.59
N PHE B 174 12.49 -9.81 -0.03
CA PHE B 174 12.86 -8.81 0.98
C PHE B 174 12.84 -7.41 0.38
N ARG B 175 13.38 -7.25 -0.83
CA ARG B 175 13.35 -5.95 -1.48
C ARG B 175 11.93 -5.45 -1.63
N GLU B 176 11.01 -6.34 -1.99
CA GLU B 176 9.65 -5.89 -2.22
C GLU B 176 8.97 -5.52 -0.91
N ILE B 177 9.25 -6.29 0.16
CA ILE B 177 8.68 -6.01 1.47
C ILE B 177 9.07 -4.60 1.91
N VAL B 178 10.36 -4.30 1.82
CA VAL B 178 10.84 -3.01 2.30
C VAL B 178 10.36 -1.89 1.38
N ALA B 179 10.30 -2.15 0.07
CA ALA B 179 9.80 -1.14 -0.85
C ALA B 179 8.36 -0.80 -0.53
N ARG B 180 7.56 -1.82 -0.18
CA ARG B 180 6.15 -1.57 0.18
C ARG B 180 6.05 -0.82 1.50
N VAL B 181 6.83 -1.21 2.51
CA VAL B 181 6.81 -0.47 3.78
C VAL B 181 7.17 0.99 3.53
N GLU B 182 8.26 1.23 2.79
CA GLU B 182 8.64 2.60 2.48
C GLU B 182 7.51 3.33 1.80
N GLY B 183 6.89 2.69 0.80
CA GLY B 183 5.88 3.36 -0.01
C GLY B 183 4.66 3.75 0.80
N TYR B 184 4.21 2.85 1.70
CA TYR B 184 2.99 3.15 2.43
C TYR B 184 3.28 4.04 3.63
N VAL B 185 4.45 3.93 4.25
CA VAL B 185 4.76 4.82 5.38
C VAL B 185 4.94 6.24 4.86
N ALA B 187 3.96 7.69 1.97
CA ALA B 187 2.90 8.33 1.21
C ALA B 187 2.24 9.39 2.10
N ASN B 188 2.31 9.15 3.41
CA ASN B 188 1.88 10.11 4.42
C ASN B 188 2.65 11.42 4.33
#